data_2P12
#
_entry.id   2P12
#
_cell.length_a   132.203
_cell.length_b   38.980
_cell.length_c   70.721
_cell.angle_alpha   90.00
_cell.angle_beta   107.69
_cell.angle_gamma   90.00
#
_symmetry.space_group_name_H-M   'C 1 2 1'
#
loop_
_entity.id
_entity.type
_entity.pdbx_description
1 polymer 'Hypothetical protein DUF402'
2 non-polymer 'ACETIC ACID'
3 non-polymer GLYCEROL
4 water water
#
_entity_poly.entity_id   1
_entity_poly.type   'polypeptide(L)'
_entity_poly.pdbx_seq_one_letter_code
;GH(MSE)AGASHDIHPPKVEYFDLRDHTNTDPKGFVRHVDHYRVEPWGLY(MSE)ARTSDHPQFHYLESWLLPDLGLRAS
IFHYHPYHQRDQDHYVDIGTFTRGDDVWKSEDHYLDLVVRTGRDTELLDVDEL(MSE)EAHTTGLLDTATAEQAILTATT
AIDGIAAHGHDLGRWLASIG(MSE)PIDWRGS
;
_entity_poly.pdbx_strand_id   A,B
#
# COMPACT_ATOMS: atom_id res chain seq x y z
N ILE A 10 -16.48 -1.49 12.35
CA ILE A 10 -17.58 -2.49 12.65
C ILE A 10 -17.42 -3.10 14.07
N HIS A 11 -16.71 -4.23 14.19
CA HIS A 11 -16.32 -4.83 15.47
C HIS A 11 -14.95 -4.22 15.87
N PRO A 12 -14.66 -4.10 17.17
CA PRO A 12 -13.33 -3.69 17.58
C PRO A 12 -12.31 -4.74 17.11
N PRO A 13 -11.01 -4.39 17.17
CA PRO A 13 -9.99 -5.36 16.64
C PRO A 13 -10.09 -6.70 17.34
N LYS A 14 -10.06 -7.76 16.55
CA LYS A 14 -10.06 -9.13 17.09
C LYS A 14 -8.76 -9.42 17.82
N VAL A 15 -8.85 -10.00 19.03
CA VAL A 15 -7.65 -10.36 19.78
C VAL A 15 -7.67 -11.87 20.06
N GLU A 16 -6.53 -12.53 19.87
CA GLU A 16 -6.34 -13.93 20.23
C GLU A 16 -5.07 -14.10 21.07
N TYR A 17 -5.07 -15.17 21.86
CA TYR A 17 -3.92 -15.56 22.62
C TYR A 17 -3.52 -17.00 22.30
N PHE A 18 -2.21 -17.24 22.43
CA PHE A 18 -1.58 -18.50 22.01
C PHE A 18 -0.73 -18.93 23.18
N ASP A 19 -1.23 -19.92 23.93
CA ASP A 19 -0.59 -20.31 25.18
C ASP A 19 0.29 -21.56 24.92
N LEU A 20 1.60 -21.37 24.94
CA LEU A 20 2.55 -22.42 24.61
C LEU A 20 2.64 -23.43 25.77
N ARG A 21 2.19 -23.04 26.95
CA ARG A 21 2.32 -23.92 28.14
C ARG A 21 1.30 -25.04 28.11
N ASP A 22 0.05 -24.70 27.80
CA ASP A 22 -0.98 -25.72 27.72
C ASP A 22 -1.48 -26.00 26.30
N HIS A 23 -0.77 -25.49 25.29
CA HIS A 23 -1.12 -25.79 23.89
C HIS A 23 -2.56 -25.46 23.54
N THR A 24 -2.97 -24.24 23.87
CA THR A 24 -4.27 -23.78 23.46
C THR A 24 -4.16 -22.45 22.70
N ASN A 25 -5.22 -22.14 21.98
CA ASN A 25 -5.34 -20.88 21.25
C ASN A 25 -6.73 -20.41 21.59
N THR A 26 -6.85 -19.26 22.27
CA THR A 26 -8.14 -18.70 22.58
C THR A 26 -8.47 -17.72 21.44
N ASP A 27 -9.57 -17.99 20.71
CA ASP A 27 -9.92 -17.23 19.52
C ASP A 27 -10.63 -15.89 19.83
N PRO A 28 -11.00 -15.09 18.80
CA PRO A 28 -11.53 -13.75 19.08
C PRO A 28 -12.87 -13.72 19.81
N LYS A 29 -13.51 -14.88 19.95
CA LYS A 29 -14.76 -14.98 20.68
C LYS A 29 -14.57 -15.69 22.03
N GLY A 30 -13.32 -15.83 22.45
CA GLY A 30 -13.00 -16.49 23.70
C GLY A 30 -13.01 -18.02 23.68
N PHE A 31 -13.24 -18.60 22.50
CA PHE A 31 -13.35 -20.05 22.37
C PHE A 31 -11.99 -20.70 22.42
N VAL A 32 -11.85 -21.70 23.30
CA VAL A 32 -10.55 -22.35 23.43
C VAL A 32 -10.39 -23.54 22.52
N ARG A 33 -9.39 -23.47 21.64
CA ARG A 33 -9.02 -24.57 20.77
C ARG A 33 -7.75 -25.20 21.17
N HIS A 34 -7.70 -26.54 21.14
N HIS A 34 -7.66 -26.51 20.99
CA HIS A 34 -6.46 -27.21 21.42
CA HIS A 34 -6.49 -27.28 21.37
C HIS A 34 -5.64 -27.15 20.16
C HIS A 34 -5.56 -27.52 20.21
N VAL A 35 -4.34 -27.02 20.37
CA VAL A 35 -3.40 -26.91 19.26
C VAL A 35 -2.60 -28.20 19.14
N ASP A 36 -2.38 -28.66 17.92
CA ASP A 36 -1.60 -29.85 17.75
C ASP A 36 -0.16 -29.57 18.04
N HIS A 37 0.25 -28.38 17.65
CA HIS A 37 1.62 -28.15 17.56
C HIS A 37 2.00 -26.64 17.51
N TYR A 38 2.84 -26.14 18.43
CA TYR A 38 3.46 -24.78 18.29
C TYR A 38 4.98 -24.89 18.15
N ARG A 39 5.56 -24.04 17.30
CA ARG A 39 7.01 -24.01 17.13
C ARG A 39 7.44 -22.54 17.10
N VAL A 40 8.39 -22.21 17.96
CA VAL A 40 8.94 -20.86 18.06
C VAL A 40 10.27 -20.73 17.34
N GLU A 41 10.39 -19.68 16.53
CA GLU A 41 11.68 -19.24 15.95
C GLU A 41 11.95 -17.82 16.49
N PRO A 42 13.21 -17.33 16.41
CA PRO A 42 13.51 -15.97 16.87
C PRO A 42 12.63 -14.88 16.16
N TRP A 43 12.11 -15.22 14.98
CA TRP A 43 11.36 -14.23 14.20
C TRP A 43 9.87 -14.53 14.15
N GLY A 44 9.41 -15.61 14.78
CA GLY A 44 7.97 -15.87 14.70
C GLY A 44 7.49 -17.11 15.39
N LEU A 45 6.16 -17.29 15.41
CA LEU A 45 5.50 -18.44 16.04
C LEU A 45 4.70 -19.17 14.97
N TYR A 46 4.89 -20.48 14.90
CA TYR A 46 4.07 -21.34 14.03
C TYR A 46 3.07 -22.13 14.84
N ALA A 48 -0.08 -25.16 14.28
CA ALA A 48 -0.83 -26.09 13.46
C ALA A 48 -1.94 -26.64 14.37
N ARG A 49 -3.19 -26.49 13.94
CA ARG A 49 -4.31 -27.05 14.68
C ARG A 49 -5.51 -27.41 13.79
N THR A 50 -6.39 -28.27 14.33
CA THR A 50 -7.63 -28.59 13.64
C THR A 50 -8.56 -27.40 13.66
N SER A 51 -9.57 -27.42 12.80
CA SER A 51 -10.63 -26.42 12.82
C SER A 51 -11.97 -27.09 12.64
N ASP A 52 -12.99 -26.53 13.29
CA ASP A 52 -14.36 -26.93 13.09
C ASP A 52 -15.15 -26.00 12.14
N HIS A 53 -14.43 -25.24 11.31
CA HIS A 53 -15.09 -24.29 10.42
C HIS A 53 -15.78 -25.02 9.28
N PRO A 54 -16.96 -24.52 8.85
CA PRO A 54 -17.62 -25.19 7.72
C PRO A 54 -16.81 -25.28 6.41
N GLN A 55 -15.88 -24.34 6.14
CA GLN A 55 -15.04 -24.35 4.90
C GLN A 55 -13.72 -25.11 5.01
N PHE A 56 -13.14 -25.18 6.20
CA PHE A 56 -11.80 -25.79 6.32
C PHE A 56 -11.63 -26.57 7.62
N HIS A 57 -10.82 -27.62 7.58
CA HIS A 57 -10.69 -28.54 8.73
C HIS A 57 -9.33 -28.49 9.45
N TYR A 58 -8.42 -27.68 8.95
CA TYR A 58 -7.09 -27.60 9.53
C TYR A 58 -6.55 -26.22 9.24
N LEU A 59 -5.79 -25.68 10.17
CA LEU A 59 -5.24 -24.32 10.09
C LEU A 59 -3.76 -24.30 10.45
N GLU A 60 -2.92 -23.68 9.60
CA GLU A 60 -1.57 -23.35 10.01
C GLU A 60 -1.39 -21.83 9.96
N SER A 61 -0.65 -21.28 10.91
N SER A 61 -0.60 -21.30 10.87
CA SER A 61 -0.38 -19.86 10.89
CA SER A 61 -0.41 -19.86 10.91
C SER A 61 1.06 -19.64 11.32
C SER A 61 0.97 -19.54 11.44
N TRP A 62 1.60 -18.53 10.82
CA TRP A 62 2.87 -17.99 11.30
C TRP A 62 2.60 -16.58 11.76
N LEU A 63 2.89 -16.31 13.02
CA LEU A 63 2.81 -14.94 13.54
C LEU A 63 4.22 -14.34 13.39
N LEU A 64 4.30 -13.16 12.75
CA LEU A 64 5.59 -12.53 12.44
C LEU A 64 5.64 -11.15 13.09
N PRO A 65 6.00 -11.09 14.40
CA PRO A 65 5.92 -9.83 15.11
C PRO A 65 6.63 -8.64 14.48
N ASP A 66 7.85 -8.84 13.98
CA ASP A 66 8.58 -7.70 13.50
C ASP A 66 8.04 -7.12 12.18
N LEU A 67 7.15 -7.86 11.52
CA LEU A 67 6.58 -7.40 10.29
C LEU A 67 5.12 -7.03 10.44
N GLY A 68 4.51 -7.28 11.61
CA GLY A 68 3.06 -7.02 11.77
C GLY A 68 2.16 -7.85 10.88
N LEU A 69 2.61 -9.06 10.59
CA LEU A 69 1.86 -9.97 9.75
C LEU A 69 1.55 -11.27 10.45
N ARG A 70 0.41 -11.87 10.11
CA ARG A 70 0.13 -13.28 10.44
C ARG A 70 -0.25 -13.99 9.13
N ALA A 71 0.59 -14.92 8.67
CA ALA A 71 0.25 -15.68 7.42
C ALA A 71 -0.46 -16.95 7.82
N SER A 72 -1.44 -17.36 7.02
CA SER A 72 -2.16 -18.61 7.30
C SER A 72 -2.41 -19.43 6.02
N ILE A 73 -2.47 -20.73 6.21
CA ILE A 73 -2.97 -21.62 5.19
C ILE A 73 -4.19 -22.36 5.77
N PHE A 74 -5.28 -22.28 5.01
CA PHE A 74 -6.52 -22.94 5.38
C PHE A 74 -6.61 -24.21 4.59
N HIS A 75 -6.76 -25.33 5.31
CA HIS A 75 -6.90 -26.63 4.66
C HIS A 75 -8.37 -26.87 4.38
N TYR A 76 -8.78 -26.48 3.17
CA TYR A 76 -10.18 -26.50 2.75
C TYR A 76 -10.73 -27.90 2.59
N HIS A 77 -12.01 -28.04 2.89
CA HIS A 77 -12.74 -29.26 2.55
C HIS A 77 -12.72 -29.52 1.05
N PRO A 78 -12.93 -30.77 0.64
CA PRO A 78 -13.05 -31.01 -0.82
C PRO A 78 -14.07 -30.09 -1.52
N TYR A 79 -13.75 -29.63 -2.73
CA TYR A 79 -14.64 -28.78 -3.53
C TYR A 79 -14.73 -27.33 -2.98
N HIS A 80 -14.00 -27.03 -1.91
CA HIS A 80 -14.05 -25.69 -1.24
C HIS A 80 -12.76 -24.92 -1.31
N GLN A 81 -11.85 -25.34 -2.16
CA GLN A 81 -10.55 -24.64 -2.26
C GLN A 81 -10.77 -23.17 -2.68
N ARG A 82 -10.19 -22.25 -1.92
N ARG A 82 -10.22 -22.22 -1.93
CA ARG A 82 -10.15 -20.83 -2.30
CA ARG A 82 -10.25 -20.83 -2.37
C ARG A 82 -8.92 -20.57 -3.18
C ARG A 82 -8.97 -20.54 -3.14
N ASP A 83 -9.05 -19.57 -4.05
CA ASP A 83 -8.01 -19.25 -4.99
C ASP A 83 -6.95 -18.36 -4.38
N GLN A 84 -6.17 -18.90 -3.45
CA GLN A 84 -5.11 -18.14 -2.84
C GLN A 84 -4.10 -19.19 -2.40
N ASP A 85 -2.83 -18.82 -2.40
CA ASP A 85 -1.79 -19.68 -1.84
C ASP A 85 -1.58 -19.29 -0.38
N HIS A 86 -1.57 -17.98 -0.11
CA HIS A 86 -1.37 -17.52 1.27
C HIS A 86 -2.33 -16.41 1.62
N TYR A 87 -2.71 -16.38 2.88
CA TYR A 87 -3.61 -15.35 3.38
C TYR A 87 -2.84 -14.64 4.50
N VAL A 88 -2.89 -13.30 4.58
CA VAL A 88 -2.04 -12.60 5.58
C VAL A 88 -2.92 -11.57 6.27
N ASP A 89 -2.99 -11.62 7.60
CA ASP A 89 -3.70 -10.59 8.37
C ASP A 89 -2.68 -9.55 8.82
N ILE A 90 -3.10 -8.29 8.81
CA ILE A 90 -2.23 -7.20 9.24
C ILE A 90 -2.64 -6.81 10.65
N GLY A 91 -1.68 -6.49 11.50
CA GLY A 91 -2.00 -6.11 12.88
C GLY A 91 -0.75 -5.99 13.73
N THR A 92 -0.95 -6.21 15.03
CA THR A 92 0.18 -6.31 15.97
C THR A 92 0.25 -7.73 16.52
N PHE A 93 1.41 -8.38 16.37
CA PHE A 93 1.60 -9.77 16.83
C PHE A 93 2.74 -9.70 17.82
N THR A 94 2.49 -10.21 19.03
CA THR A 94 3.41 -9.94 20.15
C THR A 94 3.96 -11.22 20.78
N ARG A 95 5.28 -11.34 20.80
N ARG A 95 5.27 -11.34 20.80
CA ARG A 95 5.96 -12.44 21.48
CA ARG A 95 5.96 -12.46 21.43
C ARG A 95 5.67 -12.43 22.98
C ARG A 95 5.76 -12.43 22.96
N GLY A 96 5.67 -13.61 23.57
CA GLY A 96 5.72 -13.75 25.05
C GLY A 96 6.55 -15.01 25.27
N ASP A 97 7.20 -15.11 26.43
N ASP A 97 7.22 -15.17 26.40
CA ASP A 97 8.01 -16.30 26.58
CA ASP A 97 7.98 -16.43 26.48
C ASP A 97 7.10 -17.53 26.65
C ASP A 97 7.03 -17.57 26.89
N ASP A 98 5.91 -17.37 27.24
N ASP A 98 5.82 -17.19 27.28
CA ASP A 98 4.92 -18.45 27.23
CA ASP A 98 4.78 -18.11 27.71
C ASP A 98 3.61 -18.15 26.50
C ASP A 98 3.56 -18.09 26.80
N VAL A 99 3.20 -16.88 26.40
CA VAL A 99 1.93 -16.61 25.75
C VAL A 99 2.12 -15.54 24.67
N TRP A 100 1.76 -15.88 23.44
CA TRP A 100 1.80 -14.89 22.35
C TRP A 100 0.41 -14.30 22.15
N LYS A 101 0.34 -13.18 21.41
CA LYS A 101 -0.90 -12.45 21.30
C LYS A 101 -1.03 -11.94 19.89
N SER A 102 -2.25 -11.92 19.39
N SER A 102 -2.26 -11.84 19.42
CA SER A 102 -2.53 -11.27 18.11
CA SER A 102 -2.55 -11.24 18.11
C SER A 102 -3.66 -10.26 18.24
C SER A 102 -3.61 -10.12 18.25
N GLU A 103 -3.49 -9.15 17.54
N GLU A 103 -3.49 -9.08 17.42
CA GLU A 103 -4.52 -8.11 17.45
CA GLU A 103 -4.46 -7.96 17.42
C GLU A 103 -4.60 -7.84 15.94
C GLU A 103 -4.65 -7.56 15.97
N ASP A 104 -5.82 -7.86 15.41
CA ASP A 104 -6.05 -7.84 13.95
C ASP A 104 -6.53 -6.43 13.60
N HIS A 105 -5.80 -5.77 12.72
CA HIS A 105 -6.13 -4.40 12.31
C HIS A 105 -6.83 -4.30 10.95
N TYR A 106 -7.67 -5.31 10.70
CA TYR A 106 -8.67 -5.28 9.62
C TYR A 106 -8.14 -5.61 8.25
N LEU A 107 -7.03 -4.99 7.85
CA LEU A 107 -6.49 -5.25 6.51
C LEU A 107 -6.05 -6.72 6.37
N ASP A 108 -6.16 -7.27 5.15
CA ASP A 108 -5.53 -8.56 4.92
C ASP A 108 -5.09 -8.64 3.46
N LEU A 109 -4.13 -9.51 3.19
CA LEU A 109 -3.59 -9.72 1.85
C LEU A 109 -3.94 -11.14 1.38
N VAL A 110 -4.33 -11.27 0.12
CA VAL A 110 -4.43 -12.57 -0.52
C VAL A 110 -3.38 -12.67 -1.58
N VAL A 111 -2.51 -13.67 -1.46
CA VAL A 111 -1.40 -13.81 -2.39
C VAL A 111 -1.58 -15.05 -3.27
N ARG A 112 -1.47 -14.85 -4.57
CA ARG A 112 -1.45 -15.96 -5.52
C ARG A 112 -0.03 -16.01 -6.03
N THR A 113 0.70 -17.02 -5.57
CA THR A 113 2.14 -17.10 -5.85
C THR A 113 2.52 -16.99 -7.32
N GLY A 114 3.42 -16.03 -7.62
CA GLY A 114 3.94 -15.82 -8.95
C GLY A 114 2.99 -15.02 -9.80
N ARG A 115 1.93 -14.52 -9.17
CA ARG A 115 0.90 -13.82 -9.91
C ARG A 115 0.54 -12.45 -9.34
N ASP A 116 0.00 -12.40 -8.12
CA ASP A 116 -0.48 -11.13 -7.61
C ASP A 116 -0.74 -11.13 -6.12
N THR A 117 -0.97 -9.94 -5.58
CA THR A 117 -1.35 -9.77 -4.18
C THR A 117 -2.51 -8.78 -4.18
N GLU A 118 -3.54 -9.08 -3.37
N GLU A 118 -3.58 -9.12 -3.44
CA GLU A 118 -4.74 -8.25 -3.32
CA GLU A 118 -4.70 -8.19 -3.31
C GLU A 118 -4.96 -7.79 -1.87
C GLU A 118 -4.79 -7.75 -1.85
N LEU A 119 -5.05 -6.46 -1.65
CA LEU A 119 -5.28 -5.89 -0.30
C LEU A 119 -6.79 -5.74 -0.09
N LEU A 120 -7.29 -6.40 0.95
CA LEU A 120 -8.75 -6.44 1.23
C LEU A 120 -9.06 -5.74 2.54
N ASP A 121 -10.33 -5.36 2.69
CA ASP A 121 -10.85 -4.84 3.96
C ASP A 121 -10.34 -3.42 4.34
N VAL A 122 -9.91 -2.63 3.35
CA VAL A 122 -9.53 -1.25 3.59
C VAL A 122 -10.74 -0.49 4.10
N ASP A 123 -11.90 -0.82 3.55
CA ASP A 123 -13.15 -0.19 4.04
C ASP A 123 -13.37 -0.39 5.52
N GLU A 124 -13.06 -1.59 6.03
CA GLU A 124 -13.22 -1.86 7.45
C GLU A 124 -12.26 -1.05 8.28
N LEU A 125 -11.00 -0.92 7.82
CA LEU A 125 -10.03 -0.11 8.56
C LEU A 125 -10.51 1.33 8.67
N GLU A 127 -13.64 2.50 8.49
N GLU A 127 -13.65 2.47 8.46
CA GLU A 127 -14.78 2.66 9.41
CA GLU A 127 -14.83 2.45 9.38
C GLU A 127 -14.39 2.46 10.88
C GLU A 127 -14.35 2.48 10.84
N ALA A 128 -13.43 1.57 11.17
CA ALA A 128 -12.93 1.44 12.55
C ALA A 128 -12.22 2.69 13.01
N HIS A 129 -11.49 3.33 12.11
CA HIS A 129 -10.81 4.55 12.44
C HIS A 129 -11.80 5.68 12.67
N THR A 130 -12.81 5.80 11.80
CA THR A 130 -13.71 6.96 11.95
C THR A 130 -14.54 6.82 13.21
N THR A 131 -14.81 5.59 13.63
CA THR A 131 -15.67 5.38 14.79
C THR A 131 -14.82 5.25 16.08
N GLY A 132 -13.50 5.36 15.95
CA GLY A 132 -12.61 5.44 17.10
C GLY A 132 -12.27 4.11 17.75
N LEU A 133 -12.40 3.03 16.98
CA LEU A 133 -12.06 1.68 17.47
C LEU A 133 -10.56 1.41 17.46
N LEU A 134 -9.83 2.16 16.63
CA LEU A 134 -8.37 2.26 16.78
C LEU A 134 -7.89 3.66 16.43
N ASP A 135 -6.76 4.05 16.99
CA ASP A 135 -6.27 5.40 16.76
C ASP A 135 -5.59 5.60 15.41
N THR A 136 -5.27 6.86 15.08
CA THR A 136 -4.68 7.23 13.80
C THR A 136 -3.31 6.61 13.62
N ALA A 137 -2.50 6.60 14.68
CA ALA A 137 -1.18 5.98 14.61
C ALA A 137 -1.29 4.50 14.21
N THR A 138 -2.24 3.79 14.83
CA THR A 138 -2.39 2.37 14.58
C THR A 138 -2.95 2.13 13.18
N ALA A 139 -3.90 2.96 12.75
CA ALA A 139 -4.42 2.81 11.40
C ALA A 139 -3.34 3.10 10.36
N GLU A 140 -2.59 4.18 10.57
N GLU A 140 -2.60 4.20 10.58
CA GLU A 140 -1.46 4.51 9.70
CA GLU A 140 -1.44 4.54 9.76
C GLU A 140 -0.47 3.34 9.63
C GLU A 140 -0.48 3.36 9.65
N GLN A 141 -0.10 2.82 10.80
CA GLN A 141 0.82 1.67 10.86
C GLN A 141 0.28 0.45 10.12
N ALA A 142 -1.02 0.18 10.25
CA ALA A 142 -1.62 -0.92 9.49
C ALA A 142 -1.37 -0.74 7.99
N ILE A 143 -1.61 0.46 7.47
CA ILE A 143 -1.39 0.73 6.04
C ILE A 143 0.08 0.55 5.66
N LEU A 144 0.95 1.06 6.50
CA LEU A 144 2.39 0.91 6.25
C LEU A 144 2.89 -0.53 6.37
N THR A 145 2.31 -1.31 7.28
CA THR A 145 2.69 -2.73 7.41
C THR A 145 2.29 -3.42 6.13
N ALA A 146 1.07 -3.12 5.68
CA ALA A 146 0.57 -3.70 4.40
C ALA A 146 1.44 -3.34 3.22
N THR A 147 1.82 -2.06 3.09
CA THR A 147 2.60 -1.64 1.90
C THR A 147 4.00 -2.23 1.92
N THR A 148 4.64 -2.29 3.10
CA THR A 148 5.95 -2.97 3.25
C THR A 148 5.89 -4.40 2.70
N ALA A 149 4.81 -5.10 3.07
CA ALA A 149 4.64 -6.51 2.66
C ALA A 149 4.36 -6.57 1.19
N ILE A 150 3.42 -5.72 0.72
CA ILE A 150 3.06 -5.72 -0.73
C ILE A 150 4.32 -5.51 -1.58
N ASP A 151 5.14 -4.56 -1.16
CA ASP A 151 6.41 -4.25 -1.85
C ASP A 151 7.39 -5.45 -1.86
N GLY A 152 7.63 -6.05 -0.69
CA GLY A 152 8.57 -7.20 -0.58
C GLY A 152 8.05 -8.37 -1.39
N ILE A 153 6.76 -8.69 -1.25
CA ILE A 153 6.15 -9.78 -2.03
C ILE A 153 6.34 -9.55 -3.51
N ALA A 154 6.01 -8.34 -3.98
CA ALA A 154 6.06 -8.05 -5.42
C ALA A 154 7.50 -8.12 -5.96
N ALA A 155 8.46 -7.74 -5.12
CA ALA A 155 9.84 -7.68 -5.53
C ALA A 155 10.45 -9.08 -5.57
N HIS A 156 9.71 -10.08 -5.07
CA HIS A 156 10.21 -11.48 -5.07
C HIS A 156 9.25 -12.41 -5.78
N GLY A 157 8.83 -11.99 -6.95
CA GLY A 157 8.01 -12.83 -7.83
C GLY A 157 6.64 -13.15 -7.24
N HIS A 158 6.10 -12.18 -6.51
CA HIS A 158 4.85 -12.34 -5.81
C HIS A 158 4.84 -13.67 -5.07
N ASP A 159 5.89 -13.88 -4.27
CA ASP A 159 6.06 -15.11 -3.50
C ASP A 159 6.34 -14.69 -2.07
N LEU A 160 5.35 -14.89 -1.21
CA LEU A 160 5.47 -14.47 0.21
C LEU A 160 6.66 -15.19 0.85
N GLY A 161 6.76 -16.52 0.68
CA GLY A 161 7.85 -17.28 1.33
C GLY A 161 9.23 -16.83 0.90
N ARG A 162 9.36 -16.46 -0.38
N ARG A 162 9.37 -16.46 -0.38
CA ARG A 162 10.65 -16.05 -0.93
CA ARG A 162 10.68 -16.07 -0.90
C ARG A 162 11.04 -14.70 -0.35
C ARG A 162 11.06 -14.67 -0.41
N TRP A 163 10.09 -13.76 -0.29
CA TRP A 163 10.37 -12.47 0.34
C TRP A 163 10.80 -12.74 1.76
N LEU A 164 10.08 -13.59 2.49
CA LEU A 164 10.39 -13.77 3.91
C LEU A 164 11.74 -14.40 4.07
N ALA A 165 12.03 -15.38 3.23
CA ALA A 165 13.36 -16.07 3.31
C ALA A 165 14.49 -15.09 3.03
N SER A 166 14.26 -14.17 2.08
CA SER A 166 15.27 -13.18 1.70
C SER A 166 15.62 -12.20 2.82
N ILE A 167 14.70 -11.99 3.76
CA ILE A 167 15.00 -11.14 4.90
C ILE A 167 15.30 -11.94 6.17
N GLY A 168 15.62 -13.24 6.02
CA GLY A 168 16.05 -14.06 7.15
C GLY A 168 14.93 -14.48 8.08
N PRO A 170 12.62 -17.10 7.27
CA PRO A 170 12.03 -18.17 6.46
C PRO A 170 10.90 -18.82 7.25
N ILE A 171 9.81 -19.11 6.54
CA ILE A 171 8.68 -19.81 7.14
C ILE A 171 8.49 -21.09 6.38
N ASP A 172 7.98 -22.11 7.06
CA ASP A 172 7.68 -23.35 6.39
C ASP A 172 6.32 -23.91 6.80
N TRP A 173 5.79 -24.74 5.92
CA TRP A 173 4.45 -25.27 6.07
C TRP A 173 4.46 -26.81 6.00
N ARG A 174 3.41 -27.43 6.51
CA ARG A 174 3.34 -28.89 6.47
C ARG A 174 3.14 -29.43 5.05
N GLY A 175 2.51 -28.64 4.17
N GLY A 175 2.39 -28.69 4.23
CA GLY A 175 2.54 -28.88 2.74
CA GLY A 175 1.92 -29.17 2.94
C GLY A 175 3.73 -28.23 2.08
C GLY A 175 0.48 -29.65 3.01
N HIS B 11 -6.24 20.75 5.21
CA HIS B 11 -6.78 21.42 3.99
C HIS B 11 -7.66 20.48 3.16
N PRO B 12 -8.74 21.00 2.54
CA PRO B 12 -9.55 20.25 1.56
C PRO B 12 -8.71 19.83 0.35
N PRO B 13 -9.10 18.75 -0.35
CA PRO B 13 -8.26 18.26 -1.44
C PRO B 13 -7.86 19.35 -2.44
N LYS B 14 -6.56 19.42 -2.74
CA LYS B 14 -6.00 20.35 -3.72
C LYS B 14 -6.58 20.12 -5.12
N VAL B 15 -7.06 21.17 -5.78
CA VAL B 15 -7.54 21.03 -7.16
C VAL B 15 -6.72 21.87 -8.11
N GLU B 16 -6.36 21.32 -9.25
CA GLU B 16 -5.57 22.06 -10.23
C GLU B 16 -6.21 21.87 -11.56
N TYR B 17 -5.98 22.84 -12.43
CA TYR B 17 -6.38 22.77 -13.83
C TYR B 17 -5.20 22.85 -14.75
N PHE B 18 -5.32 22.19 -15.86
CA PHE B 18 -4.28 22.14 -16.86
C PHE B 18 -5.00 22.59 -18.13
N ASP B 19 -4.80 23.86 -18.47
CA ASP B 19 -5.54 24.50 -19.59
C ASP B 19 -4.68 24.44 -20.85
N LEU B 20 -5.05 23.50 -21.70
CA LEU B 20 -4.35 23.21 -22.91
C LEU B 20 -4.47 24.35 -23.92
N ARG B 21 -5.54 25.13 -23.84
N ARG B 21 -5.55 25.12 -23.84
CA ARG B 21 -5.71 26.24 -24.80
CA ARG B 21 -5.75 26.23 -24.78
C ARG B 21 -5.03 27.52 -24.38
C ARG B 21 -4.96 27.46 -24.37
N ASP B 22 -4.99 27.76 -23.08
CA ASP B 22 -4.31 28.90 -22.52
C ASP B 22 -2.82 28.63 -22.29
N HIS B 23 -2.41 27.35 -22.34
CA HIS B 23 -1.04 26.94 -21.91
C HIS B 23 -0.72 27.45 -20.51
N THR B 24 -1.64 27.16 -19.60
CA THR B 24 -1.54 27.50 -18.18
C THR B 24 -1.72 26.14 -17.51
N ASN B 25 -1.12 26.00 -16.37
CA ASN B 25 -1.60 25.33 -15.18
C ASN B 25 -1.94 26.19 -14.04
N THR B 26 -3.20 26.06 -13.65
CA THR B 26 -3.74 26.78 -12.56
C THR B 26 -3.56 25.95 -11.31
N ASP B 27 -2.72 26.44 -10.43
CA ASP B 27 -2.29 25.62 -9.35
C ASP B 27 -3.37 25.56 -8.25
N PRO B 28 -3.08 24.84 -7.15
CA PRO B 28 -4.15 24.68 -6.17
C PRO B 28 -4.63 26.00 -5.54
N LYS B 29 -3.84 27.06 -5.70
N LYS B 29 -3.84 27.06 -5.73
CA LYS B 29 -4.18 28.39 -5.14
CA LYS B 29 -4.10 28.39 -5.17
C LYS B 29 -4.96 29.24 -6.15
C LYS B 29 -4.60 29.38 -6.23
N GLY B 30 -4.89 28.86 -7.41
CA GLY B 30 -5.46 29.65 -8.48
C GLY B 30 -4.41 30.50 -9.17
N PHE B 31 -3.13 30.28 -8.78
N PHE B 31 -3.13 30.28 -8.84
CA PHE B 31 -1.96 30.82 -9.47
CA PHE B 31 -2.04 30.99 -9.50
C PHE B 31 -1.97 30.26 -10.88
C PHE B 31 -1.67 30.34 -10.81
N VAL B 32 -1.83 31.13 -11.87
CA VAL B 32 -1.69 30.66 -13.20
C VAL B 32 -0.20 30.66 -13.51
N ARG B 33 0.30 29.47 -13.84
CA ARG B 33 1.70 29.31 -14.19
C ARG B 33 1.70 28.99 -15.67
N HIS B 34 2.50 29.72 -16.42
CA HIS B 34 2.62 29.46 -17.83
C HIS B 34 3.21 28.09 -18.05
N VAL B 35 2.73 27.40 -19.08
CA VAL B 35 3.27 26.08 -19.43
C VAL B 35 3.98 26.06 -20.77
N ASP B 36 5.22 25.56 -20.79
CA ASP B 36 5.97 25.54 -22.02
C ASP B 36 5.46 24.50 -22.98
N HIS B 37 5.08 23.33 -22.47
CA HIS B 37 4.65 22.28 -23.36
C HIS B 37 3.61 21.40 -22.66
N TYR B 38 2.48 21.18 -23.32
CA TYR B 38 1.58 20.08 -22.98
C TYR B 38 1.57 19.05 -24.10
N ARG B 39 1.49 17.76 -23.75
CA ARG B 39 1.35 16.71 -24.76
C ARG B 39 0.29 15.70 -24.27
N VAL B 40 -0.74 15.47 -25.07
CA VAL B 40 -1.82 14.55 -24.69
C VAL B 40 -1.55 13.21 -25.34
N GLU B 41 -1.64 12.17 -24.53
CA GLU B 41 -1.65 10.78 -24.96
C GLU B 41 -2.93 10.10 -24.45
N PRO B 42 -3.32 8.95 -25.06
CA PRO B 42 -4.54 8.28 -24.61
C PRO B 42 -4.49 7.91 -23.12
N TRP B 43 -3.29 7.69 -22.58
CA TRP B 43 -3.15 7.23 -21.21
C TRP B 43 -2.77 8.38 -20.28
N GLY B 44 -2.53 9.58 -20.81
CA GLY B 44 -2.11 10.64 -19.92
C GLY B 44 -1.72 11.96 -20.57
N LEU B 45 -1.42 12.92 -19.70
CA LEU B 45 -1.04 14.26 -20.09
C LEU B 45 0.32 14.53 -19.56
N TYR B 46 1.19 14.97 -20.47
CA TYR B 46 2.53 15.41 -20.11
C TYR B 46 2.55 16.93 -20.04
N ALA B 48 5.41 20.25 -19.23
CA ALA B 48 6.75 20.78 -18.88
C ALA B 48 6.60 22.27 -18.61
N ARG B 49 7.07 22.71 -17.45
CA ARG B 49 6.95 24.12 -17.11
C ARG B 49 7.99 24.59 -16.11
N THR B 50 8.20 25.90 -16.16
CA THR B 50 9.10 26.57 -15.24
C THR B 50 8.52 26.51 -13.85
N SER B 51 9.38 26.77 -12.87
CA SER B 51 8.99 26.93 -11.49
C SER B 51 9.73 28.07 -10.78
N ASP B 52 9.07 28.65 -9.75
CA ASP B 52 9.71 29.65 -8.86
C ASP B 52 10.05 29.07 -7.48
N HIS B 53 10.07 27.75 -7.38
CA HIS B 53 10.35 27.03 -6.13
C HIS B 53 11.78 27.29 -5.65
N PRO B 54 12.00 27.37 -4.31
CA PRO B 54 13.36 27.54 -3.76
C PRO B 54 14.40 26.48 -4.14
N GLN B 55 13.94 25.31 -4.57
N GLN B 55 13.98 25.31 -4.59
CA GLN B 55 14.81 24.14 -4.83
CA GLN B 55 14.92 24.20 -4.85
C GLN B 55 15.04 23.83 -6.30
C GLN B 55 15.02 23.76 -6.31
N PHE B 56 14.06 24.17 -7.12
CA PHE B 56 14.06 23.78 -8.54
C PHE B 56 13.41 24.82 -9.40
N HIS B 57 13.86 24.91 -10.65
CA HIS B 57 13.45 26.00 -11.54
C HIS B 57 12.66 25.47 -12.74
N TYR B 58 12.47 24.15 -12.79
CA TYR B 58 11.74 23.54 -13.88
C TYR B 58 11.17 22.25 -13.43
N LEU B 59 10.07 21.87 -14.04
CA LEU B 59 9.51 20.55 -13.72
C LEU B 59 8.79 19.89 -14.88
N GLU B 60 8.72 18.56 -14.82
CA GLU B 60 8.00 17.77 -15.83
C GLU B 60 7.03 16.87 -15.06
N SER B 61 5.82 16.70 -15.57
N SER B 61 5.85 16.66 -15.63
CA SER B 61 4.90 15.79 -14.90
CA SER B 61 4.85 15.88 -14.95
C SER B 61 4.15 15.02 -15.96
C SER B 61 3.95 15.11 -15.91
N TRP B 62 3.62 13.88 -15.53
CA TRP B 62 2.64 13.09 -16.30
C TRP B 62 1.44 12.84 -15.42
N LEU B 63 0.25 13.17 -15.93
CA LEU B 63 -0.97 12.84 -15.23
C LEU B 63 -1.49 11.55 -15.82
N LEU B 64 -1.78 10.55 -14.99
CA LEU B 64 -2.23 9.22 -15.50
C LEU B 64 -3.62 8.87 -14.96
N PRO B 65 -4.67 9.34 -15.64
CA PRO B 65 -6.03 9.26 -15.09
C PRO B 65 -6.46 7.84 -14.71
N ASP B 66 -6.09 6.86 -15.53
CA ASP B 66 -6.59 5.50 -15.33
C ASP B 66 -5.90 4.79 -14.17
N LEU B 67 -4.80 5.37 -13.70
CA LEU B 67 -4.11 4.83 -12.53
C LEU B 67 -4.29 5.70 -11.29
N GLY B 68 -4.83 6.90 -11.47
CA GLY B 68 -5.03 7.81 -10.32
C GLY B 68 -3.70 8.35 -9.81
N LEU B 69 -2.74 8.52 -10.71
N LEU B 69 -2.72 8.51 -10.69
CA LEU B 69 -1.36 8.94 -10.38
CA LEU B 69 -1.37 8.96 -10.29
C LEU B 69 -0.90 10.16 -11.17
C LEU B 69 -0.88 10.11 -11.15
N ARG B 70 -0.07 10.99 -10.55
CA ARG B 70 0.68 12.01 -11.29
C ARG B 70 2.16 11.81 -10.93
N ALA B 71 3.03 11.67 -11.92
CA ALA B 71 4.47 11.41 -11.66
C ALA B 71 5.22 12.68 -12.06
N SER B 72 6.18 13.13 -11.24
CA SER B 72 6.92 14.33 -11.57
C SER B 72 8.42 14.14 -11.35
N ILE B 73 9.20 14.86 -12.14
CA ILE B 73 10.63 15.08 -11.86
C ILE B 73 10.93 16.57 -11.84
N PHE B 74 11.97 16.92 -11.10
CA PHE B 74 12.40 18.30 -10.88
C PHE B 74 13.78 18.59 -11.41
N HIS B 75 14.00 19.81 -11.88
CA HIS B 75 15.28 20.21 -12.41
C HIS B 75 15.80 21.20 -11.41
N TYR B 76 16.76 20.75 -10.61
CA TYR B 76 17.15 21.49 -9.40
C TYR B 76 18.06 22.65 -9.69
N HIS B 77 18.06 23.63 -8.79
CA HIS B 77 19.02 24.72 -8.80
C HIS B 77 20.43 24.14 -8.58
N PRO B 78 21.48 24.83 -9.07
CA PRO B 78 22.85 24.28 -9.06
C PRO B 78 23.35 23.84 -7.66
N TYR B 79 23.04 24.63 -6.63
CA TYR B 79 23.49 24.33 -5.24
C TYR B 79 22.45 23.47 -4.47
N HIS B 80 21.42 22.98 -5.17
CA HIS B 80 20.25 22.29 -4.58
C HIS B 80 20.00 20.94 -5.25
N GLN B 81 21.02 20.40 -5.90
N GLN B 81 21.05 20.39 -5.86
CA GLN B 81 20.85 19.22 -6.73
CA GLN B 81 20.98 19.16 -6.66
C GLN B 81 20.68 17.93 -5.91
C GLN B 81 20.62 17.94 -5.81
N ARG B 82 19.74 17.10 -6.36
CA ARG B 82 19.49 15.75 -5.80
C ARG B 82 19.35 14.77 -6.99
N ASP B 83 19.29 13.47 -6.67
CA ASP B 83 18.93 12.47 -7.69
C ASP B 83 17.57 12.78 -8.25
N GLN B 84 17.41 12.36 -9.51
N GLN B 84 17.35 12.40 -9.51
CA GLN B 84 16.14 12.40 -10.18
CA GLN B 84 16.07 12.69 -10.14
C GLN B 84 15.26 11.29 -9.63
C GLN B 84 14.99 11.67 -9.76
N ASP B 85 14.73 11.53 -8.46
CA ASP B 85 13.74 10.59 -7.95
C ASP B 85 12.39 10.96 -8.55
N HIS B 86 11.48 9.96 -8.67
CA HIS B 86 10.14 10.27 -9.13
C HIS B 86 9.20 10.50 -7.95
N TYR B 87 8.47 11.61 -8.02
CA TYR B 87 7.57 11.98 -6.97
C TYR B 87 6.15 11.78 -7.53
N VAL B 88 5.36 10.97 -6.83
CA VAL B 88 4.08 10.52 -7.36
C VAL B 88 2.99 10.98 -6.41
N ASP B 89 2.06 11.78 -6.93
CA ASP B 89 0.88 12.19 -6.18
C ASP B 89 -0.31 11.32 -6.54
N ILE B 90 -1.09 10.97 -5.53
CA ILE B 90 -2.23 10.12 -5.75
C ILE B 90 -3.48 11.02 -5.71
N GLY B 91 -4.35 10.83 -6.67
CA GLY B 91 -5.60 11.55 -6.69
C GLY B 91 -6.49 11.13 -7.84
N THR B 92 -7.42 12.01 -8.18
CA THR B 92 -8.33 11.75 -9.29
C THR B 92 -7.98 12.75 -10.36
N PHE B 93 -7.63 12.23 -11.53
CA PHE B 93 -7.21 13.05 -12.70
C PHE B 93 -8.24 12.91 -13.79
N THR B 94 -8.87 14.04 -14.13
CA THR B 94 -9.99 14.07 -15.06
C THR B 94 -9.52 14.63 -16.42
N ARG B 95 -9.79 13.87 -17.48
CA ARG B 95 -9.54 14.37 -18.85
C ARG B 95 -10.53 15.46 -19.23
N GLY B 96 -10.14 16.33 -20.15
CA GLY B 96 -11.07 17.26 -20.79
C GLY B 96 -10.54 17.52 -22.20
N ASP B 97 -11.42 18.00 -23.07
CA ASP B 97 -11.01 18.36 -24.43
C ASP B 97 -10.06 19.54 -24.41
N ASP B 98 -10.31 20.49 -23.51
CA ASP B 98 -9.52 21.71 -23.43
C ASP B 98 -8.80 21.89 -22.11
N VAL B 99 -9.32 21.26 -21.07
CA VAL B 99 -8.82 21.48 -19.73
C VAL B 99 -8.89 20.17 -18.94
N TRP B 100 -7.75 19.70 -18.45
CA TRP B 100 -7.76 18.58 -17.52
C TRP B 100 -7.80 19.12 -16.09
N LYS B 101 -8.23 18.32 -15.12
N LYS B 101 -8.12 18.24 -15.14
CA LYS B 101 -8.21 18.73 -13.72
CA LYS B 101 -8.24 18.59 -13.76
C LYS B 101 -7.79 17.61 -12.79
C LYS B 101 -7.52 17.56 -12.89
N SER B 102 -7.14 17.97 -11.70
CA SER B 102 -6.70 17.03 -10.66
C SER B 102 -7.32 17.37 -9.31
N GLU B 103 -7.61 16.32 -8.56
CA GLU B 103 -8.04 16.47 -7.19
C GLU B 103 -7.12 15.57 -6.38
N ASP B 104 -6.34 16.18 -5.49
CA ASP B 104 -5.28 15.49 -4.76
C ASP B 104 -5.85 14.77 -3.54
N HIS B 105 -5.43 13.51 -3.33
CA HIS B 105 -5.97 12.72 -2.22
C HIS B 105 -4.89 12.37 -1.19
N TYR B 106 -3.93 13.29 -1.05
CA TYR B 106 -3.02 13.38 0.11
C TYR B 106 -1.84 12.44 0.02
N LEU B 107 -2.07 11.18 -0.31
CA LEU B 107 -0.97 10.20 -0.37
C LEU B 107 -0.01 10.57 -1.48
N ASP B 108 1.27 10.26 -1.26
CA ASP B 108 2.26 10.43 -2.29
C ASP B 108 3.40 9.46 -2.10
N LEU B 109 4.09 9.16 -3.19
CA LEU B 109 5.23 8.23 -3.14
C LEU B 109 6.48 8.96 -3.56
N VAL B 110 7.62 8.46 -3.09
CA VAL B 110 8.92 8.89 -3.60
C VAL B 110 9.58 7.61 -4.08
N VAL B 111 9.91 7.55 -5.38
CA VAL B 111 10.61 6.38 -5.90
C VAL B 111 12.07 6.77 -6.13
N ARG B 112 12.98 6.04 -5.48
CA ARG B 112 14.42 6.10 -5.69
C ARG B 112 14.73 4.91 -6.61
N THR B 113 14.88 5.24 -7.89
CA THR B 113 14.88 4.23 -8.96
C THR B 113 15.93 3.15 -8.68
N GLY B 114 15.52 1.88 -8.76
CA GLY B 114 16.39 0.77 -8.51
C GLY B 114 16.62 0.48 -7.04
N ARG B 115 16.03 1.30 -6.18
CA ARG B 115 16.19 1.10 -4.74
C ARG B 115 14.92 0.86 -3.95
N ASP B 116 14.03 1.84 -3.89
CA ASP B 116 12.87 1.68 -3.04
C ASP B 116 11.78 2.70 -3.32
N THR B 117 10.63 2.53 -2.65
CA THR B 117 9.51 3.39 -2.82
C THR B 117 9.03 3.67 -1.41
N GLU B 118 8.76 4.94 -1.12
N GLU B 118 8.82 4.94 -1.08
CA GLU B 118 8.29 5.34 0.20
CA GLU B 118 8.26 5.26 0.22
C GLU B 118 6.90 5.95 0.07
C GLU B 118 6.90 5.90 0.05
N LEU B 119 5.98 5.52 0.92
CA LEU B 119 4.63 6.06 0.93
C LEU B 119 4.53 7.06 2.03
N LEU B 120 4.11 8.27 1.66
CA LEU B 120 4.03 9.42 2.58
C LEU B 120 2.63 9.97 2.75
N ASP B 121 2.42 10.67 3.85
CA ASP B 121 1.18 11.42 4.04
C ASP B 121 -0.07 10.58 4.26
N VAL B 122 0.11 9.32 4.68
CA VAL B 122 -0.99 8.53 5.15
C VAL B 122 -1.77 9.20 6.28
N ASP B 123 -1.05 9.85 7.20
CA ASP B 123 -1.68 10.56 8.33
C ASP B 123 -2.65 11.64 7.83
N GLU B 124 -2.22 12.37 6.79
CA GLU B 124 -3.05 13.42 6.18
C GLU B 124 -4.34 12.86 5.60
N LEU B 125 -4.25 11.74 4.88
CA LEU B 125 -5.43 11.02 4.38
C LEU B 125 -6.36 10.60 5.53
N GLU B 127 -6.67 11.96 8.50
N GLU B 127 -6.63 11.94 8.51
CA GLU B 127 -7.31 13.16 9.10
CA GLU B 127 -7.22 13.19 9.03
C GLU B 127 -8.35 13.82 8.18
C GLU B 127 -8.40 13.63 8.17
N ALA B 128 -8.15 13.73 6.87
CA ALA B 128 -9.15 14.19 5.90
C ALA B 128 -10.38 13.29 5.90
N HIS B 129 -10.18 11.98 6.00
CA HIS B 129 -11.32 11.06 6.04
C HIS B 129 -12.14 11.24 7.31
N THR B 130 -11.46 11.32 8.45
CA THR B 130 -12.18 11.35 9.72
C THR B 130 -12.97 12.66 9.88
N THR B 131 -12.45 13.75 9.30
CA THR B 131 -13.09 15.07 9.39
C THR B 131 -14.09 15.35 8.26
N GLY B 132 -14.30 14.37 7.40
CA GLY B 132 -15.32 14.44 6.36
C GLY B 132 -14.92 15.16 5.07
N LEU B 133 -13.63 15.43 4.87
CA LEU B 133 -13.19 16.13 3.65
C LEU B 133 -13.20 15.19 2.43
N LEU B 134 -13.23 13.88 2.65
CA LEU B 134 -13.46 12.92 1.58
C LEU B 134 -14.07 11.65 2.14
N ASP B 135 -14.82 10.94 1.33
CA ASP B 135 -15.57 9.82 1.87
C ASP B 135 -14.74 8.54 1.90
N THR B 136 -15.30 7.46 2.43
CA THR B 136 -14.58 6.20 2.56
C THR B 136 -14.24 5.65 1.21
N ALA B 137 -15.18 5.74 0.26
CA ALA B 137 -14.94 5.23 -1.09
C ALA B 137 -13.71 5.87 -1.71
N THR B 138 -13.59 7.19 -1.54
CA THR B 138 -12.45 7.92 -2.11
C THR B 138 -11.14 7.61 -1.37
N ALA B 139 -11.21 7.55 -0.04
CA ALA B 139 -10.05 7.17 0.77
C ALA B 139 -9.60 5.78 0.35
N GLU B 140 -10.58 4.88 0.25
CA GLU B 140 -10.28 3.51 -0.17
C GLU B 140 -9.63 3.51 -1.55
N GLN B 141 -10.18 4.27 -2.50
CA GLN B 141 -9.61 4.38 -3.84
C GLN B 141 -8.16 4.91 -3.81
N ALA B 142 -7.90 5.94 -3.00
CA ALA B 142 -6.54 6.49 -2.87
C ALA B 142 -5.54 5.40 -2.41
N ILE B 143 -5.96 4.62 -1.42
CA ILE B 143 -5.09 3.55 -0.87
C ILE B 143 -4.84 2.48 -1.93
N LEU B 144 -5.88 2.08 -2.62
N LEU B 144 -5.91 2.03 -2.59
CA LEU B 144 -5.75 1.06 -3.65
CA LEU B 144 -5.78 1.09 -3.76
C LEU B 144 -4.96 1.53 -4.92
C LEU B 144 -4.76 1.61 -4.74
N THR B 145 -4.99 2.83 -5.23
CA THR B 145 -4.12 3.42 -6.25
C THR B 145 -2.67 3.33 -5.80
N ALA B 146 -2.42 3.70 -4.56
CA ALA B 146 -1.09 3.68 -3.97
C ALA B 146 -0.51 2.27 -3.93
N THR B 147 -1.29 1.29 -3.48
CA THR B 147 -0.75 -0.09 -3.37
C THR B 147 -0.54 -0.72 -4.74
N THR B 148 -1.40 -0.38 -5.69
CA THR B 148 -1.30 -0.89 -7.08
C THR B 148 0.03 -0.38 -7.67
N ALA B 149 0.31 0.88 -7.40
CA ALA B 149 1.56 1.48 -7.88
C ALA B 149 2.78 0.87 -7.15
N ILE B 150 2.70 0.73 -5.81
CA ILE B 150 3.86 0.20 -5.08
C ILE B 150 4.15 -1.20 -5.57
N ASP B 151 3.09 -1.98 -5.80
CA ASP B 151 3.27 -3.37 -6.26
C ASP B 151 3.94 -3.37 -7.64
N GLY B 152 3.38 -2.59 -8.57
CA GLY B 152 3.94 -2.57 -9.95
C GLY B 152 5.39 -2.05 -9.96
N ILE B 153 5.68 -1.02 -9.19
CA ILE B 153 7.04 -0.47 -9.17
C ILE B 153 7.99 -1.54 -8.60
N ALA B 154 7.60 -2.19 -7.49
CA ALA B 154 8.47 -3.18 -6.86
C ALA B 154 8.73 -4.41 -7.73
N ALA B 155 7.73 -4.75 -8.50
CA ALA B 155 7.84 -5.89 -9.40
C ALA B 155 8.70 -5.63 -10.62
N HIS B 156 9.08 -4.36 -10.83
CA HIS B 156 9.91 -3.96 -12.01
C HIS B 156 11.20 -3.30 -11.54
N GLY B 157 11.81 -3.90 -10.50
CA GLY B 157 13.09 -3.42 -10.02
C GLY B 157 13.08 -2.04 -9.42
N HIS B 158 11.98 -1.70 -8.76
CA HIS B 158 11.69 -0.37 -8.23
C HIS B 158 11.90 0.73 -9.27
N ASP B 159 11.22 0.57 -10.40
CA ASP B 159 11.43 1.45 -11.56
C ASP B 159 10.05 1.81 -12.07
N LEU B 160 9.63 3.04 -11.80
CA LEU B 160 8.30 3.51 -12.21
C LEU B 160 8.14 3.43 -13.70
N GLY B 161 9.11 3.95 -14.47
CA GLY B 161 9.02 3.94 -15.94
C GLY B 161 8.87 2.55 -16.52
N ARG B 162 9.61 1.57 -15.99
CA ARG B 162 9.53 0.20 -16.50
C ARG B 162 8.16 -0.42 -16.21
N TRP B 163 7.65 -0.24 -14.99
CA TRP B 163 6.28 -0.70 -14.71
C TRP B 163 5.26 -0.08 -15.70
N LEU B 164 5.31 1.23 -15.83
CA LEU B 164 4.33 1.92 -16.72
C LEU B 164 4.42 1.49 -18.18
N ALA B 165 5.65 1.31 -18.67
CA ALA B 165 5.87 0.82 -20.03
C ALA B 165 5.29 -0.57 -20.18
N SER B 166 5.46 -1.42 -19.14
CA SER B 166 5.04 -2.81 -19.21
C SER B 166 3.52 -2.98 -19.34
N ILE B 167 2.77 -1.98 -18.85
CA ILE B 167 1.32 -2.02 -18.89
C ILE B 167 0.76 -1.14 -20.03
N GLY B 168 1.63 -0.67 -20.89
CA GLY B 168 1.20 0.07 -22.08
C GLY B 168 0.91 1.54 -21.82
N PRO B 170 3.59 4.06 -21.43
CA PRO B 170 5.00 4.47 -21.32
C PRO B 170 5.08 5.93 -21.03
N ILE B 171 5.86 6.29 -20.06
CA ILE B 171 6.14 7.68 -19.92
C ILE B 171 7.56 7.95 -20.50
N ASP B 172 7.81 9.21 -20.84
N ASP B 172 7.79 9.19 -20.90
CA ASP B 172 9.09 9.63 -21.35
CA ASP B 172 9.13 9.60 -21.29
C ASP B 172 9.30 11.05 -20.86
C ASP B 172 9.30 11.03 -20.82
N TRP B 173 10.53 11.37 -20.46
CA TRP B 173 10.88 12.73 -20.12
C TRP B 173 11.72 13.35 -21.21
N ARG B 174 11.92 14.67 -21.16
N ARG B 174 11.89 14.66 -21.19
CA ARG B 174 12.69 15.37 -22.21
CA ARG B 174 12.75 15.29 -22.19
C ARG B 174 14.19 15.01 -22.26
C ARG B 174 14.13 14.61 -22.18
N GLY B 175 14.85 15.02 -21.11
N GLY B 175 14.67 14.43 -20.98
CA GLY B 175 16.33 14.89 -21.09
CA GLY B 175 16.09 14.06 -20.80
C GLY B 175 17.10 15.83 -22.02
C GLY B 175 16.34 12.59 -20.53
#